data_8A1Q
#
_entry.id   8A1Q
#
_cell.length_a   62.262
_cell.length_b   69.258
_cell.length_c   64.106
_cell.angle_alpha   90.000
_cell.angle_beta   102.380
_cell.angle_gamma   90.000
#
_symmetry.space_group_name_H-M   'P 1 21 1'
#
loop_
_entity.id
_entity.type
_entity.pdbx_description
1 polymer Integrase
2 non-polymer 1,2-ETHANEDIOL
3 non-polymer '(2S)-tert-butoxy{4-(4-chlorophenyl)-2,3,6-trimethyl-1-[(1-methyl-1H-pyrazol-4-yl)methyl]-1H-pyrrolo[2,3-b]pyridin-5-yl}acetic acid'
4 non-polymer 'MAGNESIUM ION'
5 water water
#
_entity_poly.entity_id   1
_entity_poly.type   'polypeptide(L)'
_entity_poly.pdbx_seq_one_letter_code
;SIQNFRVYYRDSRDPVWKGPAKLLEKGEGAVVIQDNSDIKVVPRRKAKIIRDYGKQMAGDDCVASRQDEDMHGQVDCSPG
IWQLDCTHLEGKVILVAVHVASGYIEAEVIPAETGQETAYFLLKLAGRWPVKTVHTDNGSNFTSTTVKAACWWAGIKQEF
GIPYNPQSQGVIESMNKELKKIIGQVRDQAEHLKTAVQMAVFIHNKKRKGGIGGYSAGERIVDIIATDIQTKE
;
_entity_poly.pdbx_strand_id   A,B,C,D
#
# COMPACT_ATOMS: atom_id res chain seq x y z
N GLN A 3 29.11 4.24 11.29
CA GLN A 3 28.28 5.44 11.31
C GLN A 3 26.83 5.09 10.98
N ASN A 4 25.89 5.77 11.64
CA ASN A 4 24.48 5.48 11.49
C ASN A 4 23.61 6.69 11.21
N PHE A 5 24.18 7.88 11.07
CA PHE A 5 23.40 9.11 10.98
C PHE A 5 23.74 9.88 9.71
N ARG A 6 22.70 10.43 9.08
CA ARG A 6 22.86 11.31 7.92
CA ARG A 6 22.85 11.30 7.92
C ARG A 6 21.92 12.50 8.08
N VAL A 7 22.45 13.70 7.88
CA VAL A 7 21.70 14.93 8.10
C VAL A 7 21.40 15.58 6.76
N TYR A 8 20.18 16.10 6.64
CA TYR A 8 19.77 16.94 5.53
C TYR A 8 19.37 18.30 6.07
N TYR A 9 19.76 19.36 5.35
CA TYR A 9 19.70 20.71 5.90
C TYR A 9 19.44 21.70 4.79
N ARG A 10 19.05 22.91 5.19
CA ARG A 10 18.89 24.04 4.27
C ARG A 10 19.85 25.15 4.66
N ASP A 11 20.56 25.69 3.68
CA ASP A 11 21.44 26.83 3.88
C ASP A 11 20.81 28.08 3.31
N SER A 12 20.90 29.17 4.07
CA SER A 12 20.36 30.48 3.67
C SER A 12 18.86 30.33 3.40
N ARG A 13 18.31 31.15 2.50
CA ARG A 13 16.92 31.06 2.11
C ARG A 13 16.70 30.14 0.92
N ASP A 14 17.72 29.40 0.52
CA ASP A 14 17.60 28.42 -0.56
C ASP A 14 16.66 27.30 -0.13
N PRO A 15 15.49 27.15 -0.74
CA PRO A 15 14.52 26.17 -0.24
C PRO A 15 14.90 24.72 -0.51
N VAL A 16 15.85 24.46 -1.40
CA VAL A 16 16.23 23.09 -1.71
C VAL A 16 17.07 22.53 -0.57
N TRP A 17 16.79 21.30 -0.16
CA TRP A 17 17.50 20.68 0.94
C TRP A 17 18.80 20.05 0.45
N LYS A 18 19.86 20.25 1.23
CA LYS A 18 21.17 19.71 0.92
C LYS A 18 21.47 18.52 1.82
N GLY A 19 22.27 17.59 1.31
CA GLY A 19 22.63 16.41 2.04
C GLY A 19 23.08 15.28 1.15
N PRO A 20 23.55 14.19 1.75
CA PRO A 20 23.66 13.93 3.20
C PRO A 20 24.91 14.55 3.83
N ALA A 21 24.77 15.15 5.01
CA ALA A 21 25.89 15.65 5.78
C ALA A 21 26.03 14.84 7.07
N LYS A 22 27.19 14.95 7.69
CA LYS A 22 27.50 14.16 8.87
C LYS A 22 27.14 14.92 10.14
N LEU A 23 26.54 14.22 11.10
CA LEU A 23 26.10 14.84 12.34
C LEU A 23 27.26 14.95 13.32
N LEU A 24 27.27 16.04 14.09
CA LEU A 24 28.27 16.28 15.10
C LEU A 24 27.67 16.52 16.48
N GLU A 25 26.60 17.31 16.57
CA GLU A 25 25.91 17.53 17.84
C GLU A 25 24.54 18.10 17.55
N LYS A 26 23.50 17.51 18.12
CA LYS A 26 22.13 18.01 18.01
C LYS A 26 21.83 18.82 19.28
N GLY A 27 22.05 20.13 19.19
CA GLY A 27 21.79 21.01 20.30
C GLY A 27 20.32 21.27 20.50
N GLU A 28 20.02 22.23 21.37
CA GLU A 28 18.63 22.56 21.67
C GLU A 28 17.95 23.21 20.48
N GLY A 29 18.49 24.34 20.02
CA GLY A 29 17.90 25.03 18.89
C GLY A 29 18.86 25.18 17.72
N ALA A 30 19.89 24.34 17.66
CA ALA A 30 20.87 24.40 16.59
C ALA A 30 21.51 23.03 16.44
N VAL A 31 21.94 22.73 15.21
CA VAL A 31 22.57 21.45 14.89
C VAL A 31 23.91 21.73 14.23
N VAL A 32 24.95 21.04 14.70
CA VAL A 32 26.30 21.18 14.15
C VAL A 32 26.53 20.04 13.17
N ILE A 33 26.97 20.38 11.96
CA ILE A 33 27.16 19.41 10.88
C ILE A 33 28.45 19.74 10.15
N GLN A 34 28.88 18.81 9.29
CA GLN A 34 30.01 19.02 8.39
C GLN A 34 29.68 18.37 7.06
N ASP A 35 29.66 19.17 5.99
CA ASP A 35 29.37 18.68 4.65
C ASP A 35 30.61 18.89 3.80
N ASN A 36 31.38 17.81 3.60
CA ASN A 36 32.58 17.81 2.77
C ASN A 36 33.60 18.83 3.29
N SER A 37 34.15 18.52 4.46
CA SER A 37 35.19 19.32 5.11
C SER A 37 34.76 20.77 5.30
N ASP A 38 33.48 20.99 5.57
CA ASP A 38 32.95 22.35 5.77
C ASP A 38 32.00 22.31 6.96
N ILE A 39 32.42 22.91 8.07
CA ILE A 39 31.62 22.92 9.28
C ILE A 39 30.51 23.95 9.14
N LYS A 40 29.28 23.55 9.45
CA LYS A 40 28.12 24.42 9.37
C LYS A 40 27.29 24.28 10.65
N VAL A 41 26.73 25.40 11.10
CA VAL A 41 25.84 25.43 12.25
C VAL A 41 24.45 25.80 11.74
N VAL A 42 23.53 24.85 11.82
CA VAL A 42 22.20 25.02 11.24
C VAL A 42 21.17 24.99 12.35
N PRO A 43 20.17 25.88 12.32
CA PRO A 43 19.10 25.81 13.33
C PRO A 43 18.38 24.48 13.30
N ARG A 44 17.86 24.07 14.46
CA ARG A 44 17.16 22.80 14.57
C ARG A 44 15.96 22.74 13.62
N ARG A 45 15.34 23.89 13.34
CA ARG A 45 14.20 23.92 12.43
C ARG A 45 14.64 23.55 11.01
N LYS A 46 15.84 23.96 10.61
CA LYS A 46 16.34 23.74 9.26
C LYS A 46 17.24 22.50 9.15
N ALA A 47 17.06 21.53 10.05
CA ALA A 47 17.89 20.33 10.07
C ALA A 47 17.00 19.12 10.24
N LYS A 48 17.23 18.09 9.43
CA LYS A 48 16.50 16.83 9.50
C LYS A 48 17.51 15.69 9.60
N ILE A 49 17.54 15.02 10.73
CA ILE A 49 18.50 13.96 11.02
C ILE A 49 17.83 12.62 10.75
N ILE A 50 18.48 11.78 9.94
CA ILE A 50 17.94 10.49 9.54
C ILE A 50 18.93 9.40 9.94
N ARG A 51 18.46 8.44 10.73
CA ARG A 51 19.23 7.29 11.15
C ARG A 51 18.86 6.08 10.28
N ASP A 52 19.80 5.14 10.16
CA ASP A 52 19.51 3.88 9.48
C ASP A 52 18.73 2.96 10.40
N TYR A 53 17.65 3.47 10.99
CA TYR A 53 16.94 2.74 12.04
C TYR A 53 16.24 1.51 11.49
N GLY A 54 15.64 1.61 10.30
CA GLY A 54 14.97 0.45 9.72
C GLY A 54 15.95 -0.63 9.31
N LYS A 55 17.14 -0.24 8.85
CA LYS A 55 18.16 -1.22 8.52
C LYS A 55 18.65 -1.96 9.77
N GLN A 56 18.77 -1.24 10.89
CA GLN A 56 19.22 -1.86 12.13
C GLN A 56 18.15 -2.73 12.78
N MET A 57 16.92 -2.75 12.25
CA MET A 57 15.85 -3.58 12.78
C MET A 57 15.40 -4.64 11.78
N ALA A 58 16.20 -4.91 10.75
CA ALA A 58 15.84 -5.89 9.74
C ALA A 58 16.96 -6.91 9.58
N GLY A 59 18.14 -6.46 9.16
CA GLY A 59 19.27 -7.33 8.96
C GLY A 59 20.34 -6.74 8.06
N SER B 78 18.57 -10.64 -5.21
CA SER B 78 17.71 -10.87 -6.37
C SER B 78 16.21 -10.84 -6.02
N PRO B 79 15.77 -11.49 -4.94
CA PRO B 79 14.35 -11.40 -4.57
C PRO B 79 13.91 -10.01 -4.14
N GLY B 80 14.84 -9.10 -3.88
CA GLY B 80 14.48 -7.76 -3.44
C GLY B 80 14.78 -6.68 -4.45
N ILE B 81 14.87 -7.05 -5.72
CA ILE B 81 15.14 -6.10 -6.80
C ILE B 81 13.81 -5.54 -7.29
N TRP B 82 13.65 -4.22 -7.22
CA TRP B 82 12.44 -3.55 -7.67
C TRP B 82 12.81 -2.45 -8.66
N GLN B 83 11.93 -2.25 -9.63
CA GLN B 83 12.03 -1.13 -10.56
C GLN B 83 10.86 -0.19 -10.32
N LEU B 84 11.16 1.10 -10.20
CA LEU B 84 10.14 2.12 -9.97
C LEU B 84 10.18 3.14 -11.10
N ASP B 85 9.00 3.58 -11.53
CA ASP B 85 8.87 4.61 -12.54
C ASP B 85 7.52 5.29 -12.37
N CYS B 86 7.40 6.49 -12.92
CA CYS B 86 6.16 7.24 -12.91
C CYS B 86 5.55 7.25 -14.30
N THR B 87 4.24 7.01 -14.36
CA THR B 87 3.49 7.07 -15.60
C THR B 87 2.31 8.01 -15.40
N HIS B 88 1.70 8.42 -16.52
CA HIS B 88 0.66 9.44 -16.49
C HIS B 88 -0.58 8.97 -17.24
N LEU B 89 -1.74 9.29 -16.67
CA LEU B 89 -3.03 8.97 -17.27
C LEU B 89 -4.03 10.03 -16.82
N GLU B 90 -4.81 10.56 -17.77
CA GLU B 90 -5.88 11.49 -17.48
C GLU B 90 -5.38 12.70 -16.69
N GLY B 91 -4.12 13.09 -16.92
CA GLY B 91 -3.53 14.21 -16.22
C GLY B 91 -3.10 13.92 -14.80
N LYS B 92 -3.06 12.66 -14.39
CA LYS B 92 -2.66 12.29 -13.04
C LYS B 92 -1.38 11.46 -13.07
N VAL B 93 -0.71 11.42 -11.93
CA VAL B 93 0.60 10.78 -11.80
C VAL B 93 0.41 9.43 -11.11
N ILE B 94 0.82 8.36 -11.79
CA ILE B 94 0.78 7.01 -11.24
C ILE B 94 2.22 6.57 -10.98
N LEU B 95 2.50 6.16 -9.75
CA LEU B 95 3.81 5.63 -9.37
C LEU B 95 3.73 4.11 -9.38
N VAL B 96 4.58 3.48 -10.19
CA VAL B 96 4.54 2.04 -10.42
C VAL B 96 5.81 1.41 -9.87
N ALA B 97 5.65 0.33 -9.11
CA ALA B 97 6.76 -0.47 -8.63
C ALA B 97 6.56 -1.91 -9.09
N VAL B 98 7.58 -2.48 -9.73
CA VAL B 98 7.52 -3.83 -10.27
C VAL B 98 8.62 -4.66 -9.62
N HIS B 99 8.25 -5.81 -9.08
CA HIS B 99 9.22 -6.78 -8.59
C HIS B 99 9.81 -7.51 -9.80
N VAL B 100 11.11 -7.31 -10.03
CA VAL B 100 11.73 -7.72 -11.29
C VAL B 100 11.60 -9.23 -11.48
N ALA B 101 11.93 -10.00 -10.44
CA ALA B 101 12.01 -11.45 -10.58
C ALA B 101 10.64 -12.11 -10.82
N SER B 102 9.54 -11.41 -10.53
CA SER B 102 8.22 -12.01 -10.60
C SER B 102 7.24 -11.30 -11.53
N GLY B 103 7.44 -10.02 -11.81
CA GLY B 103 6.44 -9.25 -12.53
C GLY B 103 5.32 -8.71 -11.68
N TYR B 104 5.35 -8.98 -10.38
CA TYR B 104 4.36 -8.43 -9.45
C TYR B 104 4.51 -6.92 -9.38
N ILE B 105 3.39 -6.21 -9.48
CA ILE B 105 3.41 -4.75 -9.54
C ILE B 105 2.61 -4.18 -8.37
N GLU B 106 3.01 -2.98 -7.94
CA GLU B 106 2.23 -2.16 -7.03
C GLU B 106 2.16 -0.76 -7.60
N ALA B 107 0.95 -0.23 -7.76
CA ALA B 107 0.75 1.07 -8.37
C ALA B 107 -0.22 1.88 -7.53
N GLU B 108 -0.08 3.20 -7.59
CA GLU B 108 -1.00 4.08 -6.88
C GLU B 108 -0.90 5.48 -7.48
N VAL B 109 -2.05 6.14 -7.58
CA VAL B 109 -2.06 7.55 -7.97
C VAL B 109 -1.52 8.37 -6.81
N ILE B 110 -0.54 9.22 -7.10
CA ILE B 110 0.02 10.10 -6.08
C ILE B 110 -0.33 11.54 -6.45
N PRO B 111 -0.55 12.43 -5.48
CA PRO B 111 -1.03 13.78 -5.80
C PRO B 111 -0.04 14.63 -6.56
N ALA B 112 1.25 14.29 -6.55
CA ALA B 112 2.25 15.06 -7.27
C ALA B 112 3.47 14.18 -7.52
N GLU B 113 4.13 14.44 -8.65
CA GLU B 113 5.32 13.68 -9.05
C GLU B 113 6.55 14.29 -8.37
N THR B 114 6.61 14.09 -7.06
CA THR B 114 7.63 14.70 -6.21
C THR B 114 8.33 13.62 -5.40
N GLY B 115 9.53 13.96 -4.92
CA GLY B 115 10.25 13.05 -4.05
C GLY B 115 9.54 12.80 -2.73
N GLN B 116 8.77 13.78 -2.27
CA GLN B 116 8.02 13.62 -1.02
C GLN B 116 7.01 12.49 -1.14
N GLU B 117 6.22 12.48 -2.21
CA GLU B 117 5.26 11.40 -2.41
C GLU B 117 5.95 10.09 -2.74
N THR B 118 7.03 10.15 -3.52
CA THR B 118 7.77 8.94 -3.85
C THR B 118 8.37 8.30 -2.60
N ALA B 119 8.92 9.12 -1.70
CA ALA B 119 9.52 8.59 -0.48
C ALA B 119 8.47 7.91 0.39
N TYR B 120 7.30 8.54 0.55
CA TYR B 120 6.23 7.93 1.33
C TYR B 120 5.78 6.62 0.69
N PHE B 121 5.70 6.59 -0.65
CA PHE B 121 5.41 5.35 -1.35
C PHE B 121 6.45 4.28 -1.04
N LEU B 122 7.73 4.67 -1.01
CA LEU B 122 8.79 3.70 -0.82
C LEU B 122 8.76 3.10 0.58
N LEU B 123 8.55 3.94 1.61
CA LEU B 123 8.49 3.44 2.98
C LEU B 123 7.33 2.45 3.14
N LYS B 124 6.18 2.75 2.53
CA LYS B 124 5.08 1.79 2.55
C LYS B 124 5.48 0.48 1.91
N LEU B 125 6.04 0.54 0.70
CA LEU B 125 6.42 -0.67 -0.02
C LEU B 125 7.46 -1.47 0.77
N ALA B 126 8.48 -0.79 1.30
CA ALA B 126 9.56 -1.47 1.99
C ALA B 126 9.07 -2.16 3.27
N GLY B 127 8.00 -1.66 3.87
CA GLY B 127 7.43 -2.32 5.03
C GLY B 127 6.60 -3.54 4.71
N ARG B 128 6.17 -3.69 3.47
CA ARG B 128 5.36 -4.82 3.04
C ARG B 128 6.18 -5.92 2.41
N TRP B 129 7.13 -5.57 1.54
CA TRP B 129 7.95 -6.54 0.84
C TRP B 129 9.42 -6.30 1.14
N PRO B 130 10.27 -7.33 1.08
CA PRO B 130 11.71 -7.11 1.19
C PRO B 130 12.25 -6.32 0.01
N VAL B 131 12.40 -5.01 0.18
CA VAL B 131 12.92 -4.13 -0.87
C VAL B 131 14.38 -3.83 -0.51
N LYS B 132 15.30 -4.45 -1.24
CA LYS B 132 16.72 -4.28 -0.99
C LYS B 132 17.42 -3.40 -2.01
N THR B 133 16.92 -3.35 -3.25
CA THR B 133 17.50 -2.52 -4.30
C THR B 133 16.38 -2.00 -5.19
N VAL B 134 16.41 -0.71 -5.48
CA VAL B 134 15.41 -0.07 -6.33
C VAL B 134 16.12 0.48 -7.56
N HIS B 135 15.67 0.07 -8.74
CA HIS B 135 16.17 0.60 -10.01
C HIS B 135 15.21 1.67 -10.50
N THR B 136 15.72 2.88 -10.68
CA THR B 136 14.93 3.98 -11.21
C THR B 136 15.75 4.72 -12.26
N ASP B 137 15.08 5.60 -12.99
CA ASP B 137 15.78 6.52 -13.88
C ASP B 137 16.26 7.72 -13.05
N ASN B 138 16.69 8.79 -13.73
CA ASN B 138 17.22 9.96 -13.06
C ASN B 138 16.16 11.06 -12.89
N GLY B 139 14.89 10.68 -12.76
CA GLY B 139 13.86 11.67 -12.51
C GLY B 139 14.08 12.38 -11.19
N SER B 140 13.64 13.64 -11.14
CA SER B 140 13.92 14.49 -9.99
C SER B 140 13.34 13.90 -8.71
N ASN B 141 12.17 13.25 -8.79
CA ASN B 141 11.57 12.66 -7.60
C ASN B 141 12.41 11.50 -7.10
N PHE B 142 12.95 10.67 -8.00
CA PHE B 142 13.73 9.51 -7.59
C PHE B 142 15.13 9.86 -7.14
N THR B 143 15.69 10.98 -7.60
CA THR B 143 16.99 11.46 -7.17
C THR B 143 16.88 12.44 -6.01
N SER B 144 15.69 12.65 -5.47
CA SER B 144 15.47 13.66 -4.45
C SER B 144 16.16 13.28 -3.14
N THR B 145 16.32 14.28 -2.28
CA THR B 145 16.91 14.03 -0.96
C THR B 145 15.97 13.19 -0.09
N THR B 146 14.66 13.39 -0.24
CA THR B 146 13.70 12.64 0.56
C THR B 146 13.74 11.15 0.25
N VAL B 147 13.93 10.79 -1.02
CA VAL B 147 13.98 9.38 -1.39
C VAL B 147 15.27 8.74 -0.88
N LYS B 148 16.40 9.42 -1.04
CA LYS B 148 17.66 8.88 -0.54
C LYS B 148 17.63 8.70 0.97
N ALA B 149 16.98 9.64 1.68
CA ALA B 149 16.86 9.51 3.12
C ALA B 149 16.01 8.29 3.49
N ALA B 150 14.94 8.05 2.73
CA ALA B 150 14.10 6.89 3.00
C ALA B 150 14.86 5.60 2.77
N CYS B 151 15.69 5.54 1.72
CA CYS B 151 16.47 4.34 1.45
C CYS B 151 17.54 4.13 2.52
N TRP B 152 18.15 5.21 3.01
CA TRP B 152 19.11 5.10 4.09
C TRP B 152 18.44 4.60 5.36
N TRP B 153 17.23 5.09 5.64
CA TRP B 153 16.51 4.64 6.84
C TRP B 153 16.13 3.18 6.73
N ALA B 154 15.63 2.76 5.58
CA ALA B 154 15.13 1.40 5.39
C ALA B 154 16.19 0.44 4.87
N GLY B 155 17.41 0.91 4.64
CA GLY B 155 18.46 0.05 4.13
C GLY B 155 18.27 -0.40 2.70
N ILE B 156 17.82 0.50 1.83
CA ILE B 156 17.58 0.20 0.43
C ILE B 156 18.74 0.76 -0.39
N LYS B 157 19.31 -0.07 -1.25
CA LYS B 157 20.32 0.40 -2.20
C LYS B 157 19.64 0.98 -3.43
N GLN B 158 20.06 2.18 -3.82
CA GLN B 158 19.50 2.84 -5.00
C GLN B 158 20.42 2.61 -6.19
N GLU B 159 19.83 2.22 -7.32
CA GLU B 159 20.57 1.95 -8.55
C GLU B 159 19.94 2.81 -9.66
N PHE B 160 20.48 4.01 -9.85
CA PHE B 160 19.99 4.89 -10.90
C PHE B 160 20.53 4.44 -12.25
N GLY B 161 19.69 4.58 -13.28
CA GLY B 161 20.13 4.19 -14.61
C GLY B 161 21.20 5.10 -15.16
N ILE B 162 21.96 4.56 -16.09
CA ILE B 162 22.96 5.38 -16.80
C ILE B 162 22.23 6.36 -17.71
N PRO B 163 22.55 7.65 -17.66
CA PRO B 163 21.88 8.61 -18.55
C PRO B 163 22.03 8.22 -20.01
N TYR B 164 21.01 8.56 -20.80
CA TYR B 164 20.94 8.21 -22.22
C TYR B 164 20.90 6.69 -22.41
N ASN B 165 20.03 6.05 -21.63
CA ASN B 165 19.81 4.60 -21.72
C ASN B 165 21.11 3.81 -21.53
N GLY B 170 14.29 -1.89 -19.28
CA GLY B 170 12.91 -1.59 -19.57
C GLY B 170 11.96 -2.72 -19.23
N VAL B 171 12.33 -3.51 -18.22
CA VAL B 171 11.50 -4.63 -17.80
C VAL B 171 10.21 -4.12 -17.17
N ILE B 172 10.26 -2.96 -16.52
CA ILE B 172 9.04 -2.37 -15.97
C ILE B 172 8.08 -1.96 -17.06
N GLU B 173 8.60 -1.50 -18.21
CA GLU B 173 7.75 -1.13 -19.33
C GLU B 173 6.94 -2.31 -19.84
N SER B 174 7.50 -3.52 -19.77
CA SER B 174 6.78 -4.71 -20.22
C SER B 174 5.54 -4.95 -19.35
N MET B 175 5.70 -4.84 -18.03
CA MET B 175 4.56 -4.99 -17.13
C MET B 175 3.69 -3.74 -17.09
N ASN B 176 4.29 -2.56 -17.31
CA ASN B 176 3.51 -1.33 -17.34
C ASN B 176 2.62 -1.28 -18.58
N LYS B 177 3.08 -1.84 -19.71
CA LYS B 177 2.23 -1.92 -20.88
C LYS B 177 0.98 -2.75 -20.60
N GLU B 178 1.15 -3.87 -19.89
CA GLU B 178 0.00 -4.69 -19.52
C GLU B 178 -0.85 -3.99 -18.46
N LEU B 179 -0.24 -3.12 -17.65
CA LEU B 179 -1.00 -2.38 -16.65
C LEU B 179 -1.99 -1.42 -17.30
N LYS B 180 -1.52 -0.65 -18.28
CA LYS B 180 -2.40 0.27 -18.99
C LYS B 180 -3.48 -0.48 -19.76
N LYS B 181 -3.17 -1.67 -20.27
CA LYS B 181 -4.16 -2.48 -20.96
C LYS B 181 -5.30 -2.86 -20.04
N ILE B 182 -4.98 -3.24 -18.80
CA ILE B 182 -6.02 -3.65 -17.85
C ILE B 182 -6.79 -2.44 -17.35
N ILE B 183 -6.11 -1.30 -17.17
CA ILE B 183 -6.78 -0.09 -16.73
C ILE B 183 -7.87 0.31 -17.73
N GLY B 184 -7.59 0.17 -19.02
CA GLY B 184 -8.58 0.47 -20.03
C GLY B 184 -9.73 -0.53 -20.05
N GLN B 185 -9.46 -1.77 -19.65
CA GLN B 185 -10.51 -2.80 -19.66
C GLN B 185 -11.53 -2.58 -18.56
N VAL B 186 -11.12 -2.00 -17.43
CA VAL B 186 -11.98 -1.87 -16.27
C VAL B 186 -12.24 -0.40 -15.91
N ARG B 187 -11.85 0.53 -16.78
CA ARG B 187 -11.98 1.95 -16.45
C ARG B 187 -13.44 2.32 -16.22
N ASP B 188 -14.36 1.79 -17.03
CA ASP B 188 -15.77 2.07 -16.85
C ASP B 188 -16.35 1.47 -15.58
N GLN B 189 -15.62 0.56 -14.92
CA GLN B 189 -16.08 -0.02 -13.67
C GLN B 189 -15.80 0.87 -12.46
N ALA B 190 -15.18 2.03 -12.65
CA ALA B 190 -14.81 2.88 -11.54
C ALA B 190 -14.97 4.34 -11.93
N GLU B 191 -15.39 5.16 -10.95
CA GLU B 191 -15.50 6.59 -11.19
C GLU B 191 -14.13 7.25 -11.20
N HIS B 192 -13.33 7.01 -10.16
N HIS B 192 -13.33 7.01 -10.16
CA HIS B 192 -12.02 7.61 -10.04
CA HIS B 192 -12.01 7.61 -10.04
C HIS B 192 -10.96 6.73 -10.68
C HIS B 192 -10.96 6.72 -10.69
N LEU B 193 -9.93 7.37 -11.24
CA LEU B 193 -8.84 6.62 -11.86
C LEU B 193 -8.09 5.79 -10.84
N LYS B 194 -7.89 6.32 -9.63
CA LYS B 194 -7.16 5.60 -8.60
C LYS B 194 -7.88 4.30 -8.22
N THR B 195 -9.20 4.27 -8.34
CA THR B 195 -9.93 3.02 -8.12
C THR B 195 -9.66 2.05 -9.26
N ALA B 196 -9.72 2.53 -10.51
CA ALA B 196 -9.43 1.68 -11.65
C ALA B 196 -8.01 1.15 -11.60
N VAL B 197 -7.07 1.96 -11.09
CA VAL B 197 -5.68 1.52 -10.97
C VAL B 197 -5.57 0.34 -10.00
N GLN B 198 -6.23 0.46 -8.84
CA GLN B 198 -6.18 -0.62 -7.86
C GLN B 198 -6.93 -1.85 -8.34
N MET B 199 -8.00 -1.65 -9.13
CA MET B 199 -8.63 -2.80 -9.78
C MET B 199 -7.68 -3.48 -10.75
N ALA B 200 -6.90 -2.69 -11.49
CA ALA B 200 -5.97 -3.26 -12.46
C ALA B 200 -4.83 -3.99 -11.78
N VAL B 201 -4.31 -3.42 -10.68
CA VAL B 201 -3.27 -4.11 -9.90
C VAL B 201 -3.80 -5.44 -9.38
N PHE B 202 -5.04 -5.44 -8.88
CA PHE B 202 -5.69 -6.68 -8.45
C PHE B 202 -5.69 -7.73 -9.55
N ILE B 203 -6.19 -7.35 -10.74
CA ILE B 203 -6.31 -8.31 -11.83
C ILE B 203 -4.95 -8.73 -12.34
N HIS B 204 -4.00 -7.79 -12.42
CA HIS B 204 -2.67 -8.12 -12.92
C HIS B 204 -1.98 -9.15 -12.02
N ASN B 205 -2.04 -8.94 -10.72
CA ASN B 205 -1.32 -9.80 -9.78
C ASN B 205 -1.99 -11.17 -9.59
N LYS B 206 -3.26 -11.31 -9.97
CA LYS B 206 -3.96 -12.57 -9.83
C LYS B 206 -4.13 -13.32 -11.15
N LYS B 207 -3.89 -12.67 -12.29
CA LYS B 207 -4.03 -13.32 -13.58
C LYS B 207 -2.96 -14.39 -13.75
N ARG B 208 -3.39 -15.63 -13.99
CA ARG B 208 -2.47 -16.73 -14.16
C ARG B 208 -1.82 -16.66 -15.55
N LYS B 209 -0.49 -16.71 -15.58
CA LYS B 209 0.23 -16.58 -16.83
C LYS B 209 0.03 -17.82 -17.70
N GLY B 210 -0.23 -17.60 -18.98
CA GLY B 210 -0.45 -18.70 -19.92
C GLY B 210 -1.86 -19.24 -19.96
N GLY B 211 -2.45 -19.50 -18.80
CA GLY B 211 -3.80 -20.02 -18.75
C GLY B 211 -4.16 -20.37 -17.32
N ILE B 212 -5.31 -21.05 -17.19
CA ILE B 212 -5.79 -21.46 -15.87
C ILE B 212 -4.82 -22.41 -15.21
N GLY B 213 -4.07 -23.18 -16.00
CA GLY B 213 -3.08 -24.09 -15.47
C GLY B 213 -1.75 -23.47 -15.09
N GLY B 214 -1.61 -22.15 -15.21
CA GLY B 214 -0.39 -21.46 -14.87
C GLY B 214 -0.47 -20.76 -13.52
N TYR B 215 0.59 -20.00 -13.22
CA TYR B 215 0.68 -19.25 -11.99
C TYR B 215 0.60 -17.76 -12.26
N SER B 216 0.28 -17.01 -11.22
CA SER B 216 0.14 -15.56 -11.31
C SER B 216 1.37 -14.86 -10.71
N ALA B 217 1.42 -13.54 -10.91
CA ALA B 217 2.53 -12.77 -10.38
C ALA B 217 2.52 -12.77 -8.85
N GLY B 218 1.33 -12.70 -8.25
CA GLY B 218 1.24 -12.73 -6.81
C GLY B 218 1.73 -14.04 -6.21
N GLU B 219 1.51 -15.15 -6.91
CA GLU B 219 2.01 -16.43 -6.45
C GLU B 219 3.52 -16.55 -6.68
N ARG B 220 4.01 -15.98 -7.78
CA ARG B 220 5.43 -16.07 -8.09
C ARG B 220 6.28 -15.30 -7.09
N ILE B 221 5.84 -14.11 -6.68
CA ILE B 221 6.62 -13.33 -5.72
C ILE B 221 6.61 -14.01 -4.35
N VAL B 222 5.47 -14.58 -3.95
CA VAL B 222 5.42 -15.29 -2.67
C VAL B 222 6.32 -16.50 -2.71
N ASP B 223 6.30 -17.26 -3.81
CA ASP B 223 7.18 -18.41 -3.94
C ASP B 223 8.65 -18.00 -3.92
N ILE B 224 8.99 -16.89 -4.60
CA ILE B 224 10.37 -16.43 -4.63
C ILE B 224 10.83 -16.05 -3.23
N ILE B 225 10.01 -15.28 -2.52
CA ILE B 225 10.39 -14.84 -1.17
C ILE B 225 10.43 -16.03 -0.21
N ALA B 226 9.45 -16.93 -0.31
CA ALA B 226 9.38 -18.05 0.63
C ALA B 226 10.60 -18.95 0.51
N THR B 227 10.98 -19.31 -0.72
CA THR B 227 12.17 -20.13 -0.90
C THR B 227 13.45 -19.38 -0.53
N ASP B 228 13.44 -18.05 -0.68
CA ASP B 228 14.60 -17.27 -0.26
C ASP B 228 14.73 -17.23 1.25
N ILE B 229 13.58 -17.23 1.96
CA ILE B 229 13.62 -17.29 3.42
C ILE B 229 14.26 -18.59 3.89
N GLN B 230 13.96 -19.69 3.18
CA GLN B 230 14.46 -20.99 3.60
C GLN B 230 15.99 -21.09 3.49
N THR B 231 16.59 -20.30 2.61
CA THR B 231 18.04 -20.36 2.42
C THR B 231 18.77 -19.98 3.71
N LYS B 232 18.49 -18.78 4.22
CA LYS B 232 19.13 -18.29 5.44
C LYS B 232 18.59 -19.02 6.67
N ASN C 4 -23.76 -12.50 -9.52
CA ASN C 4 -22.76 -12.05 -10.49
C ASN C 4 -22.81 -10.54 -10.65
N PHE C 5 -23.93 -9.94 -10.24
CA PHE C 5 -24.14 -8.50 -10.37
C PHE C 5 -24.89 -7.97 -9.15
N ARG C 6 -24.37 -6.90 -8.56
CA ARG C 6 -25.08 -6.14 -7.53
C ARG C 6 -25.15 -4.69 -7.96
N VAL C 7 -26.22 -4.01 -7.55
CA VAL C 7 -26.47 -2.62 -7.94
C VAL C 7 -26.66 -1.78 -6.69
N TYR C 8 -26.03 -0.60 -6.69
CA TYR C 8 -26.25 0.41 -5.66
C TYR C 8 -26.84 1.64 -6.31
N TYR C 9 -27.74 2.30 -5.60
CA TYR C 9 -28.58 3.33 -6.21
C TYR C 9 -29.01 4.33 -5.16
N ARG C 10 -29.50 5.47 -5.64
CA ARG C 10 -30.14 6.47 -4.80
C ARG C 10 -31.54 6.73 -5.34
N ASP C 11 -32.52 6.75 -4.44
CA ASP C 11 -33.84 7.18 -4.82
C ASP C 11 -33.84 8.67 -5.16
N SER C 12 -34.96 9.14 -5.70
CA SER C 12 -35.06 10.54 -6.09
C SER C 12 -34.95 11.44 -4.87
N ARG C 13 -34.06 12.43 -4.96
CA ARG C 13 -33.87 13.43 -3.91
C ARG C 13 -33.58 12.77 -2.56
N ASP C 14 -32.75 11.74 -2.60
CA ASP C 14 -32.32 11.02 -1.40
C ASP C 14 -30.83 10.75 -1.51
N PRO C 15 -30.00 11.46 -0.72
CA PRO C 15 -28.54 11.34 -0.90
C PRO C 15 -27.96 10.04 -0.36
N VAL C 16 -28.68 9.27 0.43
CA VAL C 16 -28.13 8.04 0.99
C VAL C 16 -28.22 6.93 -0.04
N TRP C 17 -27.08 6.30 -0.33
CA TRP C 17 -27.06 5.22 -1.30
C TRP C 17 -27.66 3.95 -0.71
N LYS C 18 -28.47 3.26 -1.51
CA LYS C 18 -29.11 2.03 -1.11
C LYS C 18 -28.40 0.83 -1.73
N GLY C 19 -28.58 -0.32 -1.10
CA GLY C 19 -27.98 -1.54 -1.59
C GLY C 19 -27.36 -2.37 -0.48
N PRO C 20 -26.86 -3.56 -0.83
CA PRO C 20 -26.82 -4.16 -2.17
C PRO C 20 -28.18 -4.64 -2.66
N ALA C 21 -28.55 -4.27 -3.88
CA ALA C 21 -29.80 -4.69 -4.49
C ALA C 21 -29.53 -5.78 -5.51
N LYS C 22 -30.51 -6.67 -5.68
CA LYS C 22 -30.40 -7.78 -6.62
C LYS C 22 -30.86 -7.30 -7.99
N LEU C 23 -29.99 -7.43 -8.99
CA LEU C 23 -30.31 -6.99 -10.33
C LEU C 23 -31.23 -7.99 -11.02
N LEU C 24 -32.33 -7.49 -11.58
CA LEU C 24 -33.26 -8.33 -12.34
C LEU C 24 -33.06 -8.19 -13.83
N GLU C 25 -33.14 -6.97 -14.36
CA GLU C 25 -32.93 -6.72 -15.78
C GLU C 25 -32.32 -5.33 -15.97
N LYS C 26 -31.66 -5.15 -17.11
CA LYS C 26 -31.04 -3.88 -17.47
C LYS C 26 -31.62 -3.41 -18.80
N GLY C 27 -32.21 -2.23 -18.80
CA GLY C 27 -32.73 -1.62 -20.01
C GLY C 27 -31.69 -0.79 -20.71
N GLU C 28 -32.17 0.18 -21.50
CA GLU C 28 -31.25 1.08 -22.20
C GLU C 28 -30.65 2.10 -21.24
N GLY C 29 -31.49 2.75 -20.45
CA GLY C 29 -31.02 3.72 -19.48
C GLY C 29 -31.66 3.54 -18.12
N ALA C 30 -32.06 2.31 -17.81
CA ALA C 30 -32.69 2.01 -16.53
C ALA C 30 -32.44 0.55 -16.18
N VAL C 31 -32.57 0.25 -14.89
CA VAL C 31 -32.38 -1.11 -14.39
C VAL C 31 -33.52 -1.44 -13.43
N VAL C 32 -33.92 -2.71 -13.40
CA VAL C 32 -34.92 -3.22 -12.47
C VAL C 32 -34.18 -4.02 -11.42
N ILE C 33 -34.31 -3.62 -10.15
CA ILE C 33 -33.60 -4.23 -9.04
C ILE C 33 -34.58 -4.50 -7.92
N GLN C 34 -34.15 -5.33 -6.98
CA GLN C 34 -34.97 -5.74 -5.84
C GLN C 34 -34.17 -5.54 -4.56
N ASP C 35 -34.65 -4.65 -3.69
CA ASP C 35 -33.99 -4.32 -2.43
C ASP C 35 -34.93 -4.69 -1.29
N ASN C 36 -34.61 -5.77 -0.59
CA ASN C 36 -35.42 -6.28 0.53
C ASN C 36 -36.86 -6.53 0.08
N SER C 37 -37.00 -7.38 -0.93
CA SER C 37 -38.27 -7.82 -1.52
C SER C 37 -39.06 -6.67 -2.14
N ASP C 38 -38.46 -5.50 -2.31
CA ASP C 38 -39.10 -4.35 -2.94
C ASP C 38 -38.46 -4.11 -4.29
N ILE C 39 -39.28 -4.14 -5.34
CA ILE C 39 -38.80 -3.99 -6.71
C ILE C 39 -38.91 -2.52 -7.11
N LYS C 40 -37.81 -1.97 -7.62
CA LYS C 40 -37.75 -0.57 -8.04
C LYS C 40 -37.13 -0.48 -9.43
N VAL C 41 -37.43 0.64 -10.10
CA VAL C 41 -36.87 0.94 -11.41
C VAL C 41 -36.03 2.20 -11.25
N VAL C 42 -34.72 2.06 -11.29
CA VAL C 42 -33.78 3.16 -11.04
C VAL C 42 -33.11 3.53 -12.36
N PRO C 43 -33.01 4.82 -12.69
CA PRO C 43 -32.31 5.21 -13.92
C PRO C 43 -30.84 4.80 -13.89
N ARG C 44 -30.26 4.69 -15.08
CA ARG C 44 -28.86 4.33 -15.21
C ARG C 44 -27.94 5.41 -14.66
N ARG C 45 -28.42 6.66 -14.57
CA ARG C 45 -27.57 7.74 -14.07
C ARG C 45 -27.29 7.59 -12.58
N LYS C 46 -28.33 7.33 -11.79
CA LYS C 46 -28.19 7.18 -10.34
C LYS C 46 -27.97 5.72 -9.93
N ALA C 47 -27.18 4.96 -10.69
CA ALA C 47 -26.97 3.56 -10.38
C ALA C 47 -25.52 3.18 -10.62
N LYS C 48 -24.89 2.59 -9.61
CA LYS C 48 -23.54 2.04 -9.72
C LYS C 48 -23.67 0.52 -9.69
N ILE C 49 -23.36 -0.12 -10.81
CA ILE C 49 -23.51 -1.56 -10.97
C ILE C 49 -22.15 -2.20 -10.77
N ILE C 50 -22.05 -3.09 -9.78
CA ILE C 50 -20.80 -3.72 -9.40
C ILE C 50 -20.94 -5.22 -9.64
N ARG C 51 -20.05 -5.77 -10.45
CA ARG C 51 -19.97 -7.21 -10.67
C ARG C 51 -18.77 -7.78 -9.93
N ASP C 52 -18.81 -9.09 -9.71
CA ASP C 52 -17.70 -9.79 -9.06
C ASP C 52 -16.56 -10.01 -10.06
N TYR C 53 -16.14 -8.94 -10.74
CA TYR C 53 -15.11 -9.07 -11.76
C TYR C 53 -13.80 -9.57 -11.17
N GLY C 54 -13.44 -9.07 -9.98
CA GLY C 54 -12.23 -9.54 -9.34
C GLY C 54 -12.35 -10.94 -8.79
N LYS C 55 -13.55 -11.34 -8.36
CA LYS C 55 -13.73 -12.68 -7.84
C LYS C 55 -13.58 -13.73 -8.93
N GLN C 56 -13.96 -13.40 -10.16
CA GLN C 56 -13.81 -14.36 -11.26
C GLN C 56 -12.34 -14.61 -11.58
N MET C 57 -11.48 -13.61 -11.40
CA MET C 57 -10.05 -13.75 -11.64
C MET C 57 -9.32 -14.30 -10.42
N ALA C 58 -10.04 -14.78 -9.41
CA ALA C 58 -9.43 -15.31 -8.20
C ALA C 58 -10.24 -16.54 -7.78
N GLY C 59 -9.68 -17.73 -8.03
CA GLY C 59 -10.38 -18.96 -7.73
C GLY C 59 -10.00 -19.57 -6.40
N ASP C 60 -10.65 -19.14 -5.32
CA ASP C 60 -10.41 -19.69 -4.00
C ASP C 60 -11.57 -19.31 -3.09
N ASP C 61 -11.85 -20.19 -2.13
CA ASP C 61 -12.91 -19.95 -1.15
C ASP C 61 -12.69 -20.80 0.09
N SER D 78 -8.32 -19.65 6.50
CA SER D 78 -7.29 -19.24 7.45
C SER D 78 -6.18 -18.37 6.83
N PRO D 79 -5.67 -18.72 5.64
CA PRO D 79 -4.66 -17.83 5.02
C PRO D 79 -5.18 -16.47 4.60
N GLY D 80 -6.50 -16.29 4.53
CA GLY D 80 -7.05 -15.03 4.07
C GLY D 80 -7.93 -14.32 5.07
N ILE D 81 -7.74 -14.58 6.35
CA ILE D 81 -8.52 -13.95 7.40
C ILE D 81 -7.81 -12.69 7.87
N TRP D 82 -8.51 -11.56 7.83
CA TRP D 82 -7.96 -10.29 8.25
C TRP D 82 -8.91 -9.62 9.21
N GLN D 83 -8.35 -8.88 10.16
CA GLN D 83 -9.10 -8.04 11.08
C GLN D 83 -8.76 -6.59 10.78
N LEU D 84 -9.80 -5.77 10.61
CA LEU D 84 -9.63 -4.34 10.33
C LEU D 84 -10.30 -3.52 11.43
N ASP D 85 -9.67 -2.41 11.78
CA ASP D 85 -10.24 -1.49 12.75
C ASP D 85 -9.56 -0.13 12.57
N CYS D 86 -10.23 0.91 13.08
CA CYS D 86 -9.71 2.26 13.02
C CYS D 86 -9.24 2.69 14.41
N THR D 87 -8.10 3.36 14.44
CA THR D 87 -7.57 3.97 15.65
C THR D 87 -7.25 5.43 15.37
N HIS D 88 -6.97 6.19 16.43
CA HIS D 88 -6.83 7.63 16.29
C HIS D 88 -5.62 8.13 17.07
N LEU D 89 -4.87 9.04 16.44
CA LEU D 89 -3.69 9.64 17.04
C LEU D 89 -3.52 11.04 16.49
N GLU D 90 -3.25 12.00 17.38
CA GLU D 90 -2.98 13.39 17.01
C GLU D 90 -4.08 13.98 16.14
N GLY D 91 -5.33 13.60 16.41
CA GLY D 91 -6.46 14.09 15.63
C GLY D 91 -6.63 13.45 14.27
N LYS D 92 -5.82 12.45 13.94
CA LYS D 92 -5.87 11.79 12.64
C LYS D 92 -6.37 10.35 12.78
N VAL D 93 -6.93 9.84 11.68
CA VAL D 93 -7.54 8.51 11.65
C VAL D 93 -6.57 7.54 11.00
N ILE D 94 -6.26 6.46 11.70
CA ILE D 94 -5.39 5.40 11.19
C ILE D 94 -6.23 4.14 11.01
N LEU D 95 -6.21 3.59 9.79
CA LEU D 95 -6.89 2.34 9.48
C LEU D 95 -5.88 1.20 9.53
N VAL D 96 -6.17 0.20 10.35
CA VAL D 96 -5.24 -0.90 10.63
C VAL D 96 -5.85 -2.21 10.15
N ALA D 97 -5.04 -2.99 9.43
CA ALA D 97 -5.42 -4.33 9.01
C ALA D 97 -4.37 -5.31 9.53
N VAL D 98 -4.84 -6.37 10.19
CA VAL D 98 -3.96 -7.39 10.76
C VAL D 98 -4.29 -8.73 10.12
N HIS D 99 -3.27 -9.41 9.62
CA HIS D 99 -3.43 -10.78 9.16
C HIS D 99 -3.39 -11.69 10.40
N VAL D 100 -4.52 -12.34 10.68
CA VAL D 100 -4.73 -12.96 11.99
C VAL D 100 -3.72 -14.08 12.23
N ALA D 101 -3.47 -14.91 11.22
CA ALA D 101 -2.64 -16.09 11.41
C ALA D 101 -1.15 -15.77 11.55
N SER D 102 -0.73 -14.56 11.17
CA SER D 102 0.69 -14.21 11.19
C SER D 102 1.03 -13.02 12.07
N GLY D 103 0.07 -12.16 12.39
CA GLY D 103 0.38 -10.92 13.07
C GLY D 103 0.92 -9.83 12.16
N TYR D 104 1.13 -10.13 10.89
CA TYR D 104 1.51 -9.12 9.91
C TYR D 104 0.44 -8.04 9.83
N ILE D 105 0.87 -6.78 9.77
CA ILE D 105 -0.05 -5.66 9.78
C ILE D 105 0.21 -4.75 8.58
N GLU D 106 -0.85 -4.06 8.15
CA GLU D 106 -0.75 -2.95 7.22
C GLU D 106 -1.58 -1.81 7.79
N ALA D 107 -1.01 -0.61 7.83
CA ALA D 107 -1.67 0.53 8.43
C ALA D 107 -1.35 1.79 7.63
N GLU D 108 -2.29 2.73 7.66
CA GLU D 108 -2.09 3.99 6.96
C GLU D 108 -3.04 5.03 7.53
N VAL D 109 -2.55 6.26 7.65
CA VAL D 109 -3.42 7.39 7.95
C VAL D 109 -4.33 7.62 6.75
N ILE D 110 -5.62 7.79 7.02
CA ILE D 110 -6.59 8.09 5.97
C ILE D 110 -7.19 9.45 6.26
N PRO D 111 -7.53 10.24 5.23
CA PRO D 111 -7.98 11.62 5.49
C PRO D 111 -9.28 11.71 6.27
N ALA D 112 -10.11 10.68 6.24
CA ALA D 112 -11.36 10.69 7.00
C ALA D 112 -11.77 9.26 7.27
N GLU D 113 -12.51 9.07 8.37
CA GLU D 113 -13.00 7.75 8.77
C GLU D 113 -14.32 7.43 8.07
N THR D 114 -14.24 7.34 6.74
CA THR D 114 -15.40 7.16 5.90
C THR D 114 -15.32 5.83 5.17
N GLY D 115 -16.50 5.35 4.72
CA GLY D 115 -16.54 4.13 3.96
C GLY D 115 -15.83 4.23 2.62
N GLN D 116 -15.82 5.43 2.04
CA GLN D 116 -15.13 5.65 0.77
C GLN D 116 -13.64 5.39 0.91
N GLU D 117 -13.03 5.90 1.99
CA GLU D 117 -11.61 5.67 2.23
C GLU D 117 -11.36 4.22 2.62
N THR D 118 -12.27 3.62 3.40
CA THR D 118 -12.09 2.24 3.82
C THR D 118 -12.14 1.29 2.62
N ALA D 119 -13.04 1.55 1.68
CA ALA D 119 -13.17 0.69 0.51
C ALA D 119 -11.91 0.76 -0.36
N TYR D 120 -11.37 1.97 -0.56
CA TYR D 120 -10.13 2.12 -1.32
C TYR D 120 -8.99 1.39 -0.64
N PHE D 121 -8.93 1.46 0.69
CA PHE D 121 -7.94 0.70 1.46
C PHE D 121 -8.08 -0.80 1.18
N LEU D 122 -9.32 -1.29 1.20
CA LEU D 122 -9.55 -2.73 1.02
C LEU D 122 -9.18 -3.18 -0.39
N LEU D 123 -9.53 -2.38 -1.41
CA LEU D 123 -9.17 -2.75 -2.77
C LEU D 123 -7.66 -2.85 -2.94
N LYS D 124 -6.91 -1.92 -2.32
CA LYS D 124 -5.46 -2.02 -2.33
C LYS D 124 -4.98 -3.28 -1.62
N LEU D 125 -5.50 -3.52 -0.41
CA LEU D 125 -5.09 -4.68 0.36
C LEU D 125 -5.39 -5.98 -0.40
N ALA D 126 -6.60 -6.10 -0.94
CA ALA D 126 -7.00 -7.32 -1.63
C ALA D 126 -6.23 -7.53 -2.92
N GLY D 127 -5.68 -6.47 -3.51
CA GLY D 127 -4.86 -6.61 -4.69
C GLY D 127 -3.42 -6.97 -4.42
N ARG D 128 -3.02 -7.03 -3.15
CA ARG D 128 -1.66 -7.36 -2.76
C ARG D 128 -1.54 -8.62 -1.93
N TRP D 129 -2.56 -8.95 -1.13
CA TRP D 129 -2.62 -10.21 -0.40
C TRP D 129 -3.94 -10.92 -0.71
N PRO D 130 -3.98 -12.25 -0.62
CA PRO D 130 -5.24 -12.96 -0.87
C PRO D 130 -6.22 -12.77 0.28
N VAL D 131 -7.04 -11.72 0.21
CA VAL D 131 -7.99 -11.40 1.26
C VAL D 131 -9.28 -12.14 0.98
N LYS D 132 -9.63 -13.10 1.84
CA LYS D 132 -10.85 -13.88 1.70
C LYS D 132 -11.94 -13.46 2.68
N THR D 133 -11.57 -13.12 3.91
CA THR D 133 -12.53 -12.74 4.93
C THR D 133 -11.95 -11.59 5.76
N VAL D 134 -12.79 -10.57 6.01
CA VAL D 134 -12.41 -9.43 6.84
C VAL D 134 -13.31 -9.39 8.06
N HIS D 135 -12.72 -9.20 9.23
CA HIS D 135 -13.45 -9.07 10.49
C HIS D 135 -13.35 -7.62 10.96
N THR D 136 -14.51 -6.97 11.11
CA THR D 136 -14.60 -5.60 11.57
C THR D 136 -15.69 -5.49 12.63
N ASP D 137 -15.77 -4.31 13.24
CA ASP D 137 -16.85 -4.01 14.17
C ASP D 137 -18.04 -3.45 13.39
N ASN D 138 -19.00 -2.84 14.10
CA ASN D 138 -20.17 -2.25 13.49
C ASN D 138 -19.99 -0.79 13.14
N GLY D 139 -18.76 -0.36 12.84
CA GLY D 139 -18.53 1.01 12.46
C GLY D 139 -19.25 1.36 11.16
N SER D 140 -19.63 2.62 11.03
CA SER D 140 -20.36 3.07 9.86
C SER D 140 -19.53 2.92 8.59
N ASN D 141 -18.22 3.15 8.69
CA ASN D 141 -17.35 3.02 7.52
C ASN D 141 -17.23 1.57 7.06
N PHE D 142 -17.28 0.62 8.00
CA PHE D 142 -17.15 -0.78 7.63
C PHE D 142 -18.45 -1.40 7.16
N THR D 143 -19.58 -0.79 7.46
CA THR D 143 -20.89 -1.25 6.98
C THR D 143 -21.38 -0.43 5.80
N SER D 144 -20.54 0.41 5.22
CA SER D 144 -20.96 1.28 4.14
C SER D 144 -21.20 0.48 2.86
N THR D 145 -21.96 1.09 1.95
CA THR D 145 -22.22 0.46 0.66
C THR D 145 -20.95 0.37 -0.18
N THR D 146 -20.04 1.33 -0.02
CA THR D 146 -18.78 1.29 -0.77
C THR D 146 -17.93 0.11 -0.35
N VAL D 147 -17.92 -0.23 0.94
CA VAL D 147 -17.13 -1.36 1.41
C VAL D 147 -17.77 -2.67 0.98
N LYS D 148 -19.10 -2.78 1.12
CA LYS D 148 -19.79 -4.00 0.68
C LYS D 148 -19.61 -4.22 -0.82
N ALA D 149 -19.57 -3.14 -1.60
CA ALA D 149 -19.35 -3.27 -3.04
C ALA D 149 -17.92 -3.73 -3.33
N ALA D 150 -16.95 -3.17 -2.61
CA ALA D 150 -15.56 -3.61 -2.79
C ALA D 150 -15.39 -5.07 -2.44
N CYS D 151 -16.04 -5.52 -1.36
CA CYS D 151 -15.96 -6.94 -0.99
C CYS D 151 -16.67 -7.83 -2.01
N TRP D 152 -17.76 -7.34 -2.61
CA TRP D 152 -18.40 -8.10 -3.68
C TRP D 152 -17.53 -8.17 -4.91
N TRP D 153 -16.89 -7.05 -5.26
CA TRP D 153 -16.03 -7.02 -6.45
C TRP D 153 -14.82 -7.92 -6.28
N ALA D 154 -14.18 -7.86 -5.11
CA ALA D 154 -12.95 -8.62 -4.87
C ALA D 154 -13.21 -10.02 -4.33
N GLY D 155 -14.45 -10.35 -4.01
CA GLY D 155 -14.75 -11.67 -3.47
C GLY D 155 -14.38 -11.82 -2.00
N ILE D 156 -14.66 -10.81 -1.19
CA ILE D 156 -14.31 -10.82 0.23
C ILE D 156 -15.58 -11.00 1.04
N LYS D 157 -15.52 -11.89 2.03
CA LYS D 157 -16.62 -12.09 2.96
C LYS D 157 -16.39 -11.23 4.19
N GLN D 158 -17.43 -10.50 4.61
CA GLN D 158 -17.36 -9.64 5.77
C GLN D 158 -17.93 -10.35 6.99
N GLU D 159 -17.33 -10.07 8.14
CA GLU D 159 -17.77 -10.67 9.41
C GLU D 159 -17.73 -9.60 10.48
N PHE D 160 -18.90 -9.30 11.06
CA PHE D 160 -19.02 -8.27 12.07
C PHE D 160 -19.10 -8.83 13.48
N GLY D 161 -18.75 -10.09 13.68
CA GLY D 161 -18.77 -10.70 15.00
C GLY D 161 -17.47 -10.57 15.75
N GLY D 170 -9.28 -10.91 19.53
CA GLY D 170 -8.55 -9.82 20.15
C GLY D 170 -7.14 -9.67 19.60
N VAL D 171 -6.89 -10.28 18.44
CA VAL D 171 -5.57 -10.22 17.83
C VAL D 171 -5.25 -8.79 17.40
N ILE D 172 -6.25 -8.09 16.88
CA ILE D 172 -6.00 -6.74 16.36
C ILE D 172 -5.68 -5.78 17.50
N GLU D 173 -6.34 -5.94 18.65
CA GLU D 173 -6.08 -5.04 19.78
C GLU D 173 -4.68 -5.28 20.34
N SER D 174 -4.27 -6.55 20.44
CA SER D 174 -2.93 -6.84 20.95
C SER D 174 -1.86 -6.39 19.96
N MET D 175 -2.08 -6.59 18.66
CA MET D 175 -1.11 -6.16 17.67
C MET D 175 -1.12 -4.64 17.49
N ASN D 176 -2.28 -4.01 17.64
CA ASN D 176 -2.33 -2.55 17.54
C ASN D 176 -1.64 -1.89 18.73
N LYS D 177 -1.75 -2.49 19.92
CA LYS D 177 -1.00 -1.98 21.06
C LYS D 177 0.50 -2.02 20.81
N GLU D 178 0.97 -3.03 20.07
CA GLU D 178 2.38 -3.06 19.68
C GLU D 178 2.68 -2.04 18.61
N LEU D 179 1.70 -1.72 17.75
CA LEU D 179 1.92 -0.68 16.74
C LEU D 179 2.02 0.70 17.38
N LYS D 180 1.13 1.00 18.33
CA LYS D 180 1.21 2.26 19.05
C LYS D 180 2.52 2.38 19.82
N LYS D 181 3.00 1.25 20.36
CA LYS D 181 4.29 1.26 21.06
C LYS D 181 5.41 1.68 20.13
N ILE D 182 5.43 1.15 18.91
CA ILE D 182 6.52 1.44 17.98
C ILE D 182 6.37 2.85 17.42
N ILE D 183 5.14 3.31 17.19
CA ILE D 183 4.92 4.67 16.72
C ILE D 183 5.53 5.68 17.69
N GLY D 184 5.34 5.44 18.99
CA GLY D 184 5.96 6.32 19.98
C GLY D 184 7.46 6.23 20.00
N GLN D 185 8.02 5.06 19.66
CA GLN D 185 9.46 4.90 19.65
C GLN D 185 10.10 5.72 18.54
N VAL D 186 9.44 5.82 17.38
CA VAL D 186 10.02 6.42 16.19
C VAL D 186 9.37 7.76 15.85
N ARG D 187 8.49 8.27 16.73
CA ARG D 187 7.74 9.48 16.40
C ARG D 187 8.66 10.66 16.13
N ASP D 188 9.72 10.81 16.93
CA ASP D 188 10.62 11.94 16.77
C ASP D 188 11.44 11.86 15.48
N GLN D 189 11.47 10.69 14.84
CA GLN D 189 12.22 10.52 13.60
C GLN D 189 11.45 10.99 12.38
N ALA D 190 10.22 11.44 12.53
CA ALA D 190 9.39 11.85 11.41
C ALA D 190 8.61 13.10 11.77
N GLU D 191 8.43 13.97 10.78
CA GLU D 191 7.61 15.17 11.00
C GLU D 191 6.13 14.81 11.01
N HIS D 192 5.66 14.09 9.98
N HIS D 192 5.67 14.10 9.99
CA HIS D 192 4.26 13.74 9.86
CA HIS D 192 4.26 13.74 9.87
C HIS D 192 3.97 12.41 10.55
C HIS D 192 3.98 12.42 10.57
N LEU D 193 2.77 12.31 11.12
CA LEU D 193 2.38 11.08 11.80
C LEU D 193 2.31 9.91 10.81
N LYS D 194 1.81 10.16 9.60
CA LYS D 194 1.69 9.08 8.61
C LYS D 194 3.05 8.49 8.26
N THR D 195 4.11 9.31 8.31
CA THR D 195 5.45 8.77 8.09
C THR D 195 5.87 7.86 9.24
N ALA D 196 5.62 8.29 10.48
CA ALA D 196 5.93 7.46 11.63
C ALA D 196 5.14 6.15 11.60
N VAL D 197 3.90 6.20 11.11
CA VAL D 197 3.09 5.00 11.03
C VAL D 197 3.73 3.98 10.09
N GLN D 198 4.23 4.43 8.93
CA GLN D 198 4.86 3.51 8.00
C GLN D 198 6.21 3.02 8.52
N MET D 199 6.93 3.86 9.25
CA MET D 199 8.14 3.40 9.93
C MET D 199 7.80 2.30 10.94
N ALA D 200 6.71 2.48 11.69
CA ALA D 200 6.32 1.50 12.69
C ALA D 200 5.85 0.19 12.04
N VAL D 201 5.10 0.29 10.94
CA VAL D 201 4.67 -0.90 10.21
C VAL D 201 5.89 -1.67 9.72
N PHE D 202 6.87 -0.96 9.16
CA PHE D 202 8.12 -1.56 8.74
C PHE D 202 8.76 -2.37 9.86
N ILE D 203 8.96 -1.73 11.02
CA ILE D 203 9.61 -2.39 12.14
C ILE D 203 8.80 -3.58 12.63
N HIS D 204 7.48 -3.43 12.68
CA HIS D 204 6.65 -4.52 13.20
C HIS D 204 6.73 -5.76 12.33
N ASN D 205 6.71 -5.58 11.01
CA ASN D 205 6.66 -6.73 10.10
C ASN D 205 8.03 -7.39 9.90
N LYS D 206 9.12 -6.66 10.15
CA LYS D 206 10.46 -7.20 9.89
C LYS D 206 11.20 -7.61 11.15
N LYS D 207 10.69 -7.26 12.33
CA LYS D 207 11.35 -7.67 13.58
C LYS D 207 11.19 -9.16 13.79
N ARG D 208 12.30 -9.89 13.77
CA ARG D 208 12.27 -11.32 14.00
C ARG D 208 11.98 -11.64 15.46
N LYS D 209 11.33 -12.78 15.68
CA LYS D 209 11.27 -13.34 17.03
C LYS D 209 12.67 -13.78 17.46
N GLY D 210 12.92 -13.73 18.76
CA GLY D 210 14.27 -13.85 19.28
C GLY D 210 14.97 -15.18 19.09
N GLY D 211 14.42 -16.25 19.66
CA GLY D 211 15.16 -17.49 19.85
C GLY D 211 15.48 -18.32 18.64
N ILE D 212 15.70 -19.62 18.86
CA ILE D 212 16.06 -20.54 17.80
C ILE D 212 14.90 -20.67 16.81
N GLY D 213 15.21 -20.48 15.53
CA GLY D 213 14.19 -20.54 14.51
C GLY D 213 13.20 -19.39 14.57
N GLY D 214 13.68 -18.19 14.85
CA GLY D 214 12.80 -17.03 14.93
C GLY D 214 12.55 -16.43 13.56
N TYR D 215 11.29 -16.03 13.35
CA TYR D 215 10.88 -15.42 12.09
C TYR D 215 10.06 -14.16 12.39
N SER D 216 9.98 -13.29 11.39
CA SER D 216 9.20 -12.07 11.51
C SER D 216 7.78 -12.31 11.03
N ALA D 217 6.89 -11.37 11.35
CA ALA D 217 5.52 -11.44 10.86
C ALA D 217 5.49 -11.41 9.34
N GLY D 218 6.31 -10.55 8.73
CA GLY D 218 6.40 -10.52 7.28
C GLY D 218 6.84 -11.84 6.70
N GLU D 219 7.73 -12.55 7.39
CA GLU D 219 8.14 -13.87 6.96
C GLU D 219 7.05 -14.91 7.21
N ARG D 220 6.28 -14.74 8.28
CA ARG D 220 5.25 -15.73 8.60
C ARG D 220 4.12 -15.72 7.58
N ILE D 221 3.67 -14.54 7.17
CA ILE D 221 2.57 -14.47 6.22
C ILE D 221 2.99 -15.01 4.86
N VAL D 222 4.23 -14.73 4.45
CA VAL D 222 4.74 -15.26 3.19
C VAL D 222 4.77 -16.78 3.23
N ASP D 223 5.21 -17.34 4.36
CA ASP D 223 5.25 -18.80 4.51
C ASP D 223 3.85 -19.39 4.50
N ILE D 224 2.91 -18.74 5.19
CA ILE D 224 1.54 -19.25 5.27
C ILE D 224 0.91 -19.28 3.88
N ILE D 225 1.07 -18.20 3.12
CA ILE D 225 0.47 -18.12 1.79
C ILE D 225 1.16 -19.09 0.84
N ALA D 226 2.47 -19.27 0.99
CA ALA D 226 3.20 -20.17 0.10
C ALA D 226 2.73 -21.61 0.24
N THR D 227 2.53 -22.06 1.48
CA THR D 227 2.10 -23.44 1.70
C THR D 227 0.65 -23.66 1.25
N ASP D 228 -0.20 -22.63 1.37
CA ASP D 228 -1.57 -22.78 0.90
C ASP D 228 -1.64 -22.87 -0.62
N ILE D 229 -0.73 -22.20 -1.31
CA ILE D 229 -0.70 -22.29 -2.77
C ILE D 229 -0.27 -23.67 -3.22
N GLN D 230 0.69 -24.27 -2.53
CA GLN D 230 1.18 -25.59 -2.90
C GLN D 230 0.10 -26.66 -2.70
N THR D 231 -0.76 -26.49 -1.70
CA THR D 231 -1.86 -27.41 -1.46
C THR D 231 -3.11 -27.04 -2.27
N LYS D 232 -2.90 -26.79 -3.56
CA LYS D 232 -3.98 -26.40 -4.46
C LYS D 232 -5.03 -27.51 -4.58
#